data_7LHU
#
_entry.id   7LHU
#
_cell.length_a   77.700
_cell.length_b   77.700
_cell.length_c   206.363
_cell.angle_alpha   90.000
_cell.angle_beta   90.000
_cell.angle_gamma   90.000
#
_symmetry.space_group_name_H-M   'P 43 21 2'
#
loop_
_entity.id
_entity.type
_entity.pdbx_description
1 polymer 'Phosphoadenosine phosphosulfate reductase'
2 non-polymer 'IRON/SULFUR CLUSTER'
3 non-polymer '2-(N-MORPHOLINO)-ETHANESULFONIC ACID'
4 non-polymer 'ADENOSINE MONOPHOSPHATE'
5 water water
#
_entity_poly.entity_id   1
_entity_poly.type   'polypeptide(L)'
_entity_poly.pdbx_seq_one_letter_code
;MSGETTRLTEPQLRELAARGAAELDGATATDMLRWTDETFGDIGGAGGGVSGHRGWTTCNYVVASNMADAVLVDLAAKVR
PGVPVIFLDTGYHFVETIGTRDAIESVYDVRVLNVTPEHTVAEQDELLGKDLFARNPHECCRLRKVVPLGKTLRGYSAWV
TGLRRVDAPTRANAPLVSFDETFKLVKVNPLAAWTDQDVQEYIADNDVLVNPLVREGYPSIGCAPCTAKPAEGADPRSGR
WQGLAKTECGLHASLEHHHHHH
;
_entity_poly.pdbx_strand_id   A,B
#
# COMPACT_ATOMS: atom_id res chain seq x y z
N THR A 5 -20.37 30.08 -7.82
CA THR A 5 -19.91 31.38 -8.32
C THR A 5 -18.63 31.21 -9.13
N THR A 6 -18.14 29.97 -9.22
CA THR A 6 -16.94 29.67 -9.98
C THR A 6 -17.09 28.37 -10.77
N ARG A 7 -18.31 28.02 -11.16
CA ARG A 7 -18.58 26.84 -11.97
C ARG A 7 -19.48 27.22 -13.13
N LEU A 8 -19.28 26.54 -14.26
CA LEU A 8 -20.11 26.77 -15.43
C LEU A 8 -21.56 26.36 -15.16
N THR A 9 -22.47 26.93 -15.93
CA THR A 9 -23.89 26.66 -15.75
C THR A 9 -24.21 25.20 -16.10
N GLU A 10 -25.26 24.68 -15.47
CA GLU A 10 -25.62 23.28 -15.66
C GLU A 10 -25.94 22.94 -17.11
N PRO A 11 -26.73 23.73 -17.86
CA PRO A 11 -26.92 23.40 -19.28
C PRO A 11 -25.62 23.44 -20.07
N GLN A 12 -24.76 24.41 -19.78
CA GLN A 12 -23.45 24.47 -20.44
C GLN A 12 -22.63 23.22 -20.11
N LEU A 13 -22.67 22.77 -18.86
CA LEU A 13 -21.93 21.59 -18.47
C LEU A 13 -22.47 20.35 -19.17
N ARG A 14 -23.80 20.25 -19.29
CA ARG A 14 -24.39 19.10 -19.97
C ARG A 14 -24.02 19.09 -21.45
N GLU A 15 -24.06 20.26 -22.10
CA GLU A 15 -23.67 20.32 -23.50
C GLU A 15 -22.20 19.98 -23.70
N LEU A 16 -21.34 20.47 -22.79
CA LEU A 16 -19.92 20.15 -22.89
C LEU A 16 -19.68 18.65 -22.68
N ALA A 17 -20.38 18.04 -21.73
CA ALA A 17 -20.23 16.60 -21.52
C ALA A 17 -20.71 15.81 -22.73
N ALA A 18 -21.83 16.23 -23.33
CA ALA A 18 -22.32 15.55 -24.53
C ALA A 18 -21.32 15.66 -25.67
N ARG A 19 -20.80 16.86 -25.91
CA ARG A 19 -19.83 17.03 -26.99
C ARG A 19 -18.55 16.25 -26.72
N GLY A 20 -18.10 16.21 -25.47
CA GLY A 20 -16.91 15.44 -25.15
C GLY A 20 -17.11 13.95 -25.35
N ALA A 21 -18.27 13.44 -24.94
CA ALA A 21 -18.55 12.02 -25.13
C ALA A 21 -18.67 11.68 -26.62
N ALA A 22 -19.23 12.60 -27.42
CA ALA A 22 -19.40 12.31 -28.84
C ALA A 22 -18.09 12.40 -29.61
N GLU A 23 -17.27 13.40 -29.29
CA GLU A 23 -16.05 13.65 -30.06
C GLU A 23 -14.90 12.73 -29.64
N LEU A 24 -14.86 12.33 -28.37
CA LEU A 24 -13.77 11.49 -27.86
C LEU A 24 -14.13 10.01 -27.86
N ASP A 25 -14.99 9.59 -28.78
CA ASP A 25 -15.42 8.19 -28.84
C ASP A 25 -14.25 7.32 -29.28
N GLY A 26 -13.81 6.44 -28.39
CA GLY A 26 -12.71 5.55 -28.71
C GLY A 26 -11.34 6.19 -28.65
N ALA A 27 -11.17 7.23 -27.84
CA ALA A 27 -9.91 7.94 -27.73
C ALA A 27 -9.09 7.37 -26.58
N THR A 28 -7.78 7.64 -26.63
CA THR A 28 -6.88 7.20 -25.57
C THR A 28 -7.05 8.07 -24.34
N ALA A 29 -6.51 7.57 -23.22
CA ALA A 29 -6.63 8.30 -21.95
C ALA A 29 -5.93 9.65 -22.01
N THR A 30 -4.75 9.70 -22.64
CA THR A 30 -4.03 10.96 -22.76
C THR A 30 -4.79 11.96 -23.60
N ASP A 31 -5.48 11.49 -24.65
CA ASP A 31 -6.30 12.40 -25.45
C ASP A 31 -7.45 12.99 -24.63
N MET A 32 -8.10 12.16 -23.81
CA MET A 32 -9.18 12.65 -22.96
C MET A 32 -8.67 13.66 -21.94
N LEU A 33 -7.49 13.40 -21.37
CA LEU A 33 -6.91 14.34 -20.41
C LEU A 33 -6.52 15.64 -21.09
N ARG A 34 -5.98 15.58 -22.31
CA ARG A 34 -5.66 16.79 -23.05
C ARG A 34 -6.92 17.60 -23.36
N TRP A 35 -8.00 16.92 -23.74
CA TRP A 35 -9.25 17.63 -23.99
C TRP A 35 -9.77 18.29 -22.72
N THR A 36 -9.72 17.56 -21.59
CA THR A 36 -10.16 18.14 -20.33
C THR A 36 -9.31 19.35 -19.95
N ASP A 37 -8.00 19.27 -20.17
CA ASP A 37 -7.13 20.39 -19.82
C ASP A 37 -7.39 21.60 -20.73
N GLU A 38 -7.63 21.35 -22.01
CA GLU A 38 -7.87 22.46 -22.92
C GLU A 38 -9.24 23.09 -22.68
N THR A 39 -10.21 22.32 -22.19
CA THR A 39 -11.54 22.86 -21.97
C THR A 39 -11.70 23.51 -20.59
N PHE A 40 -10.97 23.04 -19.58
CA PHE A 40 -11.16 23.55 -18.22
C PHE A 40 -9.84 24.02 -17.61
N GLY A 41 -8.93 24.55 -18.43
CA GLY A 41 -7.64 24.97 -17.96
C GLY A 41 -7.61 26.27 -17.17
N ASP A 42 -7.94 27.38 -17.81
CA ASP A 42 -7.86 28.70 -17.20
C ASP A 42 -9.24 29.18 -16.76
N ILE A 43 -9.28 30.40 -16.24
CA ILE A 43 -10.50 31.02 -15.73
C ILE A 43 -11.16 30.15 -14.67
N TRP A 56 -0.46 27.17 -10.46
CA TRP A 56 -1.17 26.19 -11.28
C TRP A 56 -2.36 25.60 -10.52
N THR A 57 -2.61 26.13 -9.33
CA THR A 57 -3.81 25.80 -8.58
C THR A 57 -4.97 26.73 -8.96
N THR A 58 -4.79 27.51 -10.02
CA THR A 58 -5.88 28.26 -10.64
C THR A 58 -6.61 27.43 -11.70
N CYS A 59 -6.64 26.12 -11.52
CA CYS A 59 -7.21 25.18 -12.48
C CYS A 59 -8.69 24.98 -12.18
N ASN A 60 -9.44 24.59 -13.22
CA ASN A 60 -10.88 24.41 -13.11
C ASN A 60 -11.30 22.95 -13.32
N TYR A 61 -10.38 22.01 -13.10
CA TYR A 61 -10.70 20.60 -13.09
C TYR A 61 -9.73 19.88 -12.17
N VAL A 62 -10.22 18.85 -11.47
CA VAL A 62 -9.44 18.18 -10.44
C VAL A 62 -9.49 16.67 -10.71
N VAL A 63 -8.51 15.97 -10.15
CA VAL A 63 -8.38 14.53 -10.30
C VAL A 63 -8.58 13.88 -8.93
N ALA A 64 -9.23 12.73 -8.90
CA ALA A 64 -9.49 11.99 -7.68
C ALA A 64 -8.78 10.64 -7.74
N SER A 65 -7.99 10.33 -6.73
CA SER A 65 -7.22 9.09 -6.70
C SER A 65 -7.28 8.50 -5.30
N ASN A 66 -7.57 7.20 -5.23
CA ASN A 66 -7.62 6.48 -3.96
C ASN A 66 -6.25 6.07 -3.45
N MET A 67 -5.18 6.53 -4.11
CA MET A 67 -3.79 6.26 -3.69
C MET A 67 -3.47 4.78 -3.71
N ALA A 68 -4.05 4.03 -4.65
CA ALA A 68 -3.66 2.65 -4.87
C ALA A 68 -2.50 2.53 -5.86
N ASP A 69 -2.40 3.47 -6.80
CA ASP A 69 -1.29 3.54 -7.74
C ASP A 69 -1.31 4.92 -8.38
N ALA A 70 -0.18 5.30 -8.97
CA ALA A 70 0.00 6.63 -9.55
C ALA A 70 -0.15 6.63 -11.07
N VAL A 71 -1.00 5.75 -11.61
CA VAL A 71 -1.19 5.70 -13.06
C VAL A 71 -1.90 6.97 -13.54
N LEU A 72 -3.12 7.19 -13.04
CA LEU A 72 -3.87 8.38 -13.42
C LEU A 72 -3.14 9.64 -12.99
N VAL A 73 -2.46 9.61 -11.85
CA VAL A 73 -1.71 10.78 -11.38
C VAL A 73 -0.58 11.09 -12.34
N ASP A 74 0.17 10.06 -12.76
CA ASP A 74 1.26 10.28 -13.71
C ASP A 74 0.74 10.81 -15.04
N LEU A 75 -0.38 10.26 -15.52
CA LEU A 75 -0.95 10.72 -16.78
C LEU A 75 -1.36 12.19 -16.69
N ALA A 76 -2.07 12.56 -15.61
CA ALA A 76 -2.52 13.94 -15.45
C ALA A 76 -1.34 14.89 -15.29
N ALA A 77 -0.28 14.46 -14.60
CA ALA A 77 0.89 15.33 -14.45
C ALA A 77 1.65 15.47 -15.76
N LYS A 78 1.66 14.42 -16.59
CA LYS A 78 2.32 14.53 -17.89
C LYS A 78 1.52 15.40 -18.85
N VAL A 79 0.20 15.44 -18.68
CA VAL A 79 -0.62 16.33 -19.50
C VAL A 79 -0.70 17.73 -18.90
N ARG A 80 -0.71 17.84 -17.57
CA ARG A 80 -0.81 19.12 -16.89
C ARG A 80 0.02 19.05 -15.61
N PRO A 81 1.23 19.59 -15.62
CA PRO A 81 2.02 19.65 -14.38
C PRO A 81 1.37 20.57 -13.36
N GLY A 82 1.59 20.25 -12.08
CA GLY A 82 0.99 21.03 -11.02
C GLY A 82 -0.52 20.89 -10.93
N VAL A 83 -1.08 19.86 -11.54
CA VAL A 83 -2.54 19.66 -11.51
C VAL A 83 -2.96 19.34 -10.08
N PRO A 84 -4.13 19.79 -9.63
CA PRO A 84 -4.60 19.39 -8.29
C PRO A 84 -5.23 18.01 -8.31
N VAL A 85 -4.97 17.26 -7.23
CA VAL A 85 -5.55 15.94 -7.03
C VAL A 85 -6.05 15.86 -5.59
N ILE A 86 -7.25 15.33 -5.41
CA ILE A 86 -7.86 15.24 -4.08
C ILE A 86 -7.76 13.80 -3.59
N PHE A 87 -7.58 13.66 -2.28
CA PHE A 87 -7.59 12.35 -1.62
C PHE A 87 -8.51 12.44 -0.41
N LEU A 88 -9.51 11.55 -0.37
CA LEU A 88 -10.51 11.54 0.70
C LEU A 88 -9.93 10.84 1.91
N ASP A 89 -9.49 11.62 2.89
CA ASP A 89 -8.87 11.09 4.11
C ASP A 89 -9.99 10.88 5.13
N THR A 90 -10.61 9.69 5.05
CA THR A 90 -11.70 9.37 5.98
C THR A 90 -11.22 9.16 7.40
N GLY A 91 -9.92 9.09 7.65
CA GLY A 91 -9.38 8.80 8.95
C GLY A 91 -9.26 7.33 9.28
N TYR A 92 -9.94 6.46 8.53
CA TYR A 92 -9.84 5.03 8.69
C TYR A 92 -8.89 4.39 7.67
N HIS A 93 -8.00 5.18 7.09
CA HIS A 93 -7.09 4.68 6.07
C HIS A 93 -5.95 3.88 6.69
N PHE A 94 -5.38 3.00 5.88
CA PHE A 94 -4.14 2.33 6.25
C PHE A 94 -3.00 3.33 6.30
N VAL A 95 -2.00 3.03 7.14
CA VAL A 95 -0.81 3.87 7.17
C VAL A 95 -0.07 3.80 5.83
N GLU A 96 -0.15 2.65 5.16
CA GLU A 96 0.50 2.52 3.85
C GLU A 96 -0.18 3.41 2.81
N THR A 97 -1.50 3.62 2.93
CA THR A 97 -2.19 4.50 1.99
C THR A 97 -1.74 5.94 2.16
N ILE A 98 -1.62 6.40 3.42
CA ILE A 98 -1.15 7.76 3.67
C ILE A 98 0.30 7.90 3.23
N GLY A 99 1.11 6.86 3.44
CA GLY A 99 2.48 6.89 2.95
C GLY A 99 2.56 6.99 1.44
N THR A 100 1.69 6.26 0.75
CA THR A 100 1.64 6.35 -0.71
C THR A 100 1.20 7.74 -1.15
N ARG A 101 0.24 8.33 -0.43
CA ARG A 101 -0.20 9.69 -0.75
C ARG A 101 0.95 10.68 -0.62
N ASP A 102 1.69 10.60 0.49
CA ASP A 102 2.83 11.50 0.69
C ASP A 102 3.90 11.28 -0.37
N ALA A 103 4.16 10.01 -0.72
CA ALA A 103 5.17 9.71 -1.72
C ALA A 103 4.77 10.25 -3.09
N ILE A 104 3.49 10.13 -3.45
CA ILE A 104 3.04 10.67 -4.73
C ILE A 104 3.10 12.19 -4.72
N GLU A 105 2.75 12.81 -3.59
CA GLU A 105 2.85 14.27 -3.50
C GLU A 105 4.30 14.73 -3.67
N SER A 106 5.25 13.99 -3.11
CA SER A 106 6.65 14.39 -3.21
C SER A 106 7.19 14.16 -4.62
N VAL A 107 6.97 12.97 -5.18
CA VAL A 107 7.60 12.61 -6.44
C VAL A 107 6.97 13.39 -7.60
N TYR A 108 5.66 13.22 -7.79
CA TYR A 108 5.00 13.74 -8.97
C TYR A 108 4.70 15.24 -8.82
N ASP A 109 4.65 15.93 -9.95
CA ASP A 109 4.37 17.37 -9.98
C ASP A 109 2.85 17.53 -9.89
N VAL A 110 2.34 17.38 -8.67
CA VAL A 110 0.91 17.41 -8.41
C VAL A 110 0.66 18.13 -7.09
N ARG A 111 -0.38 18.97 -7.07
CA ARG A 111 -0.82 19.65 -5.84
C ARG A 111 -1.88 18.76 -5.19
N VAL A 112 -1.52 18.10 -4.11
CA VAL A 112 -2.43 17.17 -3.43
C VAL A 112 -3.23 17.93 -2.39
N LEU A 113 -4.52 17.57 -2.28
CA LEU A 113 -5.42 18.15 -1.29
C LEU A 113 -6.03 17.03 -0.48
N ASN A 114 -5.85 17.09 0.84
CA ASN A 114 -6.31 16.07 1.77
C ASN A 114 -7.71 16.47 2.24
N VAL A 115 -8.73 15.96 1.55
CA VAL A 115 -10.11 16.29 1.89
C VAL A 115 -10.51 15.49 3.12
N THR A 116 -10.76 16.20 4.22
CA THR A 116 -11.14 15.59 5.48
C THR A 116 -12.54 16.05 5.89
N PRO A 117 -13.35 15.17 6.47
CA PRO A 117 -14.67 15.60 6.95
C PRO A 117 -14.54 16.61 8.09
N GLU A 118 -15.63 17.34 8.33
CA GLU A 118 -15.62 18.37 9.37
C GLU A 118 -15.47 17.76 10.75
N HIS A 119 -15.94 16.53 10.94
CA HIS A 119 -15.87 15.83 12.22
C HIS A 119 -14.82 14.74 12.14
N THR A 120 -13.95 14.69 13.15
CA THR A 120 -12.91 13.66 13.21
C THR A 120 -13.53 12.31 13.54
N VAL A 121 -12.67 11.29 13.64
CA VAL A 121 -13.15 9.95 13.96
C VAL A 121 -13.69 9.90 15.38
N ALA A 122 -12.97 10.51 16.33
CA ALA A 122 -13.44 10.50 17.72
C ALA A 122 -14.72 11.31 17.87
N GLU A 123 -14.83 12.44 17.17
CA GLU A 123 -16.03 13.25 17.25
C GLU A 123 -17.24 12.51 16.71
N GLN A 124 -17.08 11.82 15.57
CA GLN A 124 -18.18 11.03 15.03
C GLN A 124 -18.53 9.87 15.95
N ASP A 125 -17.53 9.22 16.54
CA ASP A 125 -17.78 8.13 17.48
C ASP A 125 -18.55 8.62 18.69
N GLU A 126 -18.27 9.85 19.14
CA GLU A 126 -18.98 10.39 20.29
C GLU A 126 -20.38 10.85 19.91
N LEU A 127 -20.58 11.36 18.69
CA LEU A 127 -21.86 11.93 18.32
C LEU A 127 -22.87 10.88 17.87
N LEU A 128 -22.43 9.79 17.23
CA LEU A 128 -23.36 8.80 16.70
C LEU A 128 -22.97 7.39 17.10
N GLY A 129 -22.03 7.21 18.02
CA GLY A 129 -21.62 5.88 18.43
C GLY A 129 -20.32 5.43 17.80
N LYS A 130 -19.51 4.71 18.56
CA LYS A 130 -18.22 4.24 18.07
C LYS A 130 -18.41 3.19 16.97
N ASP A 131 -17.50 3.21 16.00
CA ASP A 131 -17.50 2.26 14.89
C ASP A 131 -18.82 2.32 14.11
N LEU A 132 -19.08 3.49 13.54
CA LEU A 132 -20.27 3.67 12.71
C LEU A 132 -20.20 2.81 11.45
N PHE A 133 -19.00 2.45 11.00
CA PHE A 133 -18.86 1.61 9.81
C PHE A 133 -19.48 0.24 10.03
N ALA A 134 -19.55 -0.23 11.28
CA ALA A 134 -20.11 -1.54 11.57
C ALA A 134 -21.63 -1.51 11.64
N ARG A 135 -22.21 -0.40 12.08
CA ARG A 135 -23.65 -0.32 12.26
C ARG A 135 -24.37 0.24 11.04
N ASN A 136 -23.82 1.28 10.41
CA ASN A 136 -24.41 1.86 9.20
C ASN A 136 -23.28 2.26 8.26
N PRO A 137 -22.79 1.31 7.45
CA PRO A 137 -21.70 1.64 6.52
C PRO A 137 -22.11 2.63 5.45
N HIS A 138 -23.37 2.58 5.00
CA HIS A 138 -23.83 3.56 4.01
C HIS A 138 -23.77 4.97 4.58
N GLU A 139 -24.22 5.15 5.83
CA GLU A 139 -24.17 6.47 6.44
C GLU A 139 -22.73 6.90 6.72
N CYS A 140 -21.87 5.95 7.10
CA CYS A 140 -20.46 6.28 7.29
C CYS A 140 -19.83 6.78 6.00
N CYS A 141 -20.09 6.07 4.89
CA CYS A 141 -19.58 6.50 3.59
C CYS A 141 -20.16 7.85 3.18
N ARG A 142 -21.44 8.06 3.44
CA ARG A 142 -22.06 9.34 3.07
C ARG A 142 -21.47 10.48 3.86
N LEU A 143 -21.18 10.27 5.14
CA LEU A 143 -20.68 11.34 5.99
C LEU A 143 -19.20 11.63 5.72
N ARG A 144 -18.38 10.60 5.56
CA ARG A 144 -16.94 10.79 5.47
C ARG A 144 -16.39 10.78 4.05
N LYS A 145 -17.16 10.29 3.08
CA LYS A 145 -16.69 10.23 1.69
C LYS A 145 -17.52 11.08 0.75
N VAL A 146 -18.84 10.91 0.74
CA VAL A 146 -19.67 11.55 -0.28
C VAL A 146 -19.82 13.05 0.00
N VAL A 147 -20.17 13.39 1.24
CA VAL A 147 -20.40 14.81 1.57
C VAL A 147 -19.11 15.64 1.44
N PRO A 148 -17.96 15.22 1.98
CA PRO A 148 -16.75 16.02 1.76
C PRO A 148 -16.35 16.12 0.31
N LEU A 149 -16.52 15.03 -0.45
CA LEU A 149 -16.23 15.07 -1.88
C LEU A 149 -17.11 16.10 -2.58
N GLY A 150 -18.39 16.14 -2.24
CA GLY A 150 -19.28 17.11 -2.83
C GLY A 150 -18.93 18.54 -2.43
N LYS A 151 -18.59 18.74 -1.16
CA LYS A 151 -18.21 20.07 -0.70
C LYS A 151 -16.93 20.55 -1.37
N THR A 152 -16.03 19.61 -1.73
CA THR A 152 -14.80 20.00 -2.40
C THR A 152 -15.02 20.22 -3.89
N LEU A 153 -15.91 19.44 -4.51
CA LEU A 153 -16.15 19.57 -5.94
C LEU A 153 -16.88 20.86 -6.30
N ARG A 154 -17.51 21.51 -5.32
CA ARG A 154 -18.13 22.80 -5.57
C ARG A 154 -17.06 23.82 -5.97
N GLY A 155 -17.21 24.39 -7.16
CA GLY A 155 -16.24 25.30 -7.72
C GLY A 155 -15.48 24.74 -8.91
N TYR A 156 -15.51 23.43 -9.12
CA TYR A 156 -14.90 22.80 -10.28
C TYR A 156 -15.97 22.43 -11.29
N SER A 157 -15.60 22.48 -12.57
CA SER A 157 -16.55 22.17 -13.64
C SER A 157 -16.47 20.72 -14.10
N ALA A 158 -15.34 20.05 -13.88
CA ALA A 158 -15.17 18.67 -14.29
C ALA A 158 -14.19 17.99 -13.35
N TRP A 159 -14.37 16.69 -13.15
CA TRP A 159 -13.45 15.89 -12.36
C TRP A 159 -13.11 14.61 -13.10
N VAL A 160 -11.91 14.10 -12.85
CA VAL A 160 -11.35 12.95 -13.54
C VAL A 160 -11.23 11.80 -12.55
N THR A 161 -11.66 10.62 -12.96
CA THR A 161 -11.64 9.44 -12.10
C THR A 161 -10.91 8.31 -12.78
N GLY A 162 -10.33 7.42 -11.97
CA GLY A 162 -9.62 6.27 -12.49
C GLY A 162 -10.49 5.03 -12.55
N LEU A 163 -11.78 5.23 -12.80
CA LEU A 163 -12.71 4.11 -12.87
C LEU A 163 -12.47 3.28 -14.12
N ARG A 164 -12.47 1.97 -13.96
CA ARG A 164 -12.32 1.02 -15.05
C ARG A 164 -13.55 0.13 -15.12
N ARG A 165 -14.02 -0.15 -16.33
CA ARG A 165 -15.25 -0.91 -16.50
C ARG A 165 -15.13 -2.34 -16.00
N VAL A 166 -13.92 -2.84 -15.76
CA VAL A 166 -13.74 -4.20 -15.28
C VAL A 166 -13.83 -4.30 -13.76
N ASP A 167 -14.03 -3.17 -13.08
CA ASP A 167 -14.11 -3.19 -11.62
C ASP A 167 -15.29 -4.02 -11.12
N ALA A 168 -16.40 -4.00 -11.85
CA ALA A 168 -17.60 -4.74 -11.45
C ALA A 168 -18.44 -4.96 -12.69
N PRO A 169 -19.28 -6.00 -12.68
CA PRO A 169 -20.18 -6.20 -13.83
C PRO A 169 -21.18 -5.07 -14.02
N THR A 170 -21.49 -4.34 -12.95
CA THR A 170 -22.41 -3.21 -13.04
C THR A 170 -21.76 -1.96 -13.60
N ARG A 171 -20.44 -1.94 -13.73
CA ARG A 171 -19.72 -0.80 -14.28
C ARG A 171 -19.29 -1.02 -15.72
N ALA A 172 -19.81 -2.06 -16.37
CA ALA A 172 -19.38 -2.40 -17.72
C ALA A 172 -19.74 -1.32 -18.74
N ASN A 173 -20.76 -0.50 -18.48
CA ASN A 173 -21.17 0.56 -19.39
C ASN A 173 -20.73 1.94 -18.90
N ALA A 174 -19.62 2.00 -18.16
CA ALA A 174 -19.12 3.26 -17.66
C ALA A 174 -18.77 4.19 -18.82
N PRO A 175 -19.36 5.37 -18.90
CA PRO A 175 -19.09 6.26 -20.04
C PRO A 175 -17.74 6.95 -19.92
N LEU A 176 -17.16 7.26 -21.08
CA LEU A 176 -15.90 7.99 -21.12
C LEU A 176 -16.08 9.38 -20.51
N VAL A 177 -16.98 10.17 -21.09
CA VAL A 177 -17.33 11.49 -20.57
C VAL A 177 -18.83 11.53 -20.38
N SER A 178 -19.28 12.05 -19.24
CA SER A 178 -20.69 12.14 -18.94
C SER A 178 -20.91 13.31 -17.99
N PHE A 179 -22.15 13.45 -17.52
CA PHE A 179 -22.51 14.49 -16.56
C PHE A 179 -22.94 13.80 -15.27
N ASP A 180 -22.03 13.76 -14.30
CA ASP A 180 -22.33 13.19 -13.00
C ASP A 180 -23.46 13.96 -12.35
N GLU A 181 -24.59 13.26 -12.14
CA GLU A 181 -25.78 13.83 -11.53
C GLU A 181 -25.66 13.95 -10.02
N THR A 182 -24.84 13.11 -9.40
CA THR A 182 -24.70 13.17 -7.94
C THR A 182 -24.04 14.48 -7.52
N PHE A 183 -22.99 14.91 -8.23
CA PHE A 183 -22.32 16.17 -7.96
C PHE A 183 -22.61 17.23 -9.01
N LYS A 184 -23.35 16.87 -10.07
CA LYS A 184 -23.80 17.82 -11.09
C LYS A 184 -22.62 18.53 -11.77
N LEU A 185 -21.77 17.72 -12.42
CA LEU A 185 -20.66 18.30 -13.18
C LEU A 185 -20.08 17.22 -14.09
N VAL A 186 -19.19 17.65 -14.99
CA VAL A 186 -18.64 16.73 -15.98
C VAL A 186 -17.76 15.69 -15.31
N LYS A 187 -17.89 14.44 -15.74
CA LYS A 187 -17.14 13.32 -15.19
C LYS A 187 -16.43 12.61 -16.32
N VAL A 188 -15.11 12.47 -16.21
CA VAL A 188 -14.27 11.87 -17.24
C VAL A 188 -13.59 10.64 -16.66
N ASN A 189 -13.68 9.51 -17.38
CA ASN A 189 -13.08 8.25 -16.97
C ASN A 189 -12.08 7.81 -18.04
N PRO A 190 -10.84 8.30 -17.97
CA PRO A 190 -9.87 7.92 -19.02
C PRO A 190 -9.50 6.45 -18.99
N LEU A 191 -9.44 5.84 -17.81
CA LEU A 191 -9.04 4.45 -17.65
C LEU A 191 -10.21 3.49 -17.79
N ALA A 192 -11.33 3.94 -18.37
CA ALA A 192 -12.50 3.09 -18.51
C ALA A 192 -12.20 1.87 -19.37
N ALA A 193 -11.68 2.10 -20.58
CA ALA A 193 -11.41 1.00 -21.50
C ALA A 193 -10.23 0.14 -21.09
N TRP A 194 -9.49 0.54 -20.05
CA TRP A 194 -8.29 -0.18 -19.66
C TRP A 194 -8.62 -1.51 -18.99
N THR A 195 -7.72 -2.47 -19.15
CA THR A 195 -7.85 -3.80 -18.55
C THR A 195 -6.71 -3.99 -17.54
N ASP A 196 -6.78 -5.14 -16.84
CA ASP A 196 -5.74 -5.45 -15.87
C ASP A 196 -4.37 -5.55 -16.52
N GLN A 197 -4.30 -6.19 -17.69
CA GLN A 197 -3.04 -6.27 -18.42
C GLN A 197 -2.56 -4.87 -18.83
N ASP A 198 -3.49 -4.00 -19.20
CA ASP A 198 -3.12 -2.65 -19.62
C ASP A 198 -2.46 -1.88 -18.48
N VAL A 199 -3.11 -1.87 -17.31
CA VAL A 199 -2.55 -1.16 -16.18
C VAL A 199 -1.24 -1.80 -15.73
N GLN A 200 -1.16 -3.13 -15.79
CA GLN A 200 0.08 -3.83 -15.45
C GLN A 200 1.24 -3.35 -16.34
N GLU A 201 1.02 -3.35 -17.65
CA GLU A 201 2.06 -2.95 -18.58
C GLU A 201 2.44 -1.48 -18.41
N TYR A 202 1.45 -0.62 -18.10
CA TYR A 202 1.77 0.78 -17.88
C TYR A 202 2.60 0.96 -16.60
N ILE A 203 2.21 0.28 -15.53
CA ILE A 203 2.96 0.29 -14.27
C ILE A 203 4.41 -0.09 -14.55
N ALA A 204 4.61 -1.15 -15.35
CA ALA A 204 5.96 -1.57 -15.69
C ALA A 204 6.69 -0.49 -16.48
N ASP A 205 6.08 0.01 -17.55
CA ASP A 205 6.77 0.91 -18.47
C ASP A 205 7.11 2.27 -17.85
N ASN A 206 6.40 2.71 -16.81
CA ASN A 206 6.66 4.04 -16.28
C ASN A 206 7.22 4.05 -14.87
N ASP A 207 7.43 2.88 -14.25
CA ASP A 207 7.97 2.79 -12.89
C ASP A 207 7.20 3.71 -11.93
N VAL A 208 5.89 3.55 -11.91
CA VAL A 208 5.02 4.40 -11.12
C VAL A 208 4.78 3.76 -9.76
N LEU A 209 4.68 4.60 -8.73
CA LEU A 209 4.54 4.13 -7.36
C LEU A 209 3.24 3.35 -7.18
N VAL A 210 3.32 2.28 -6.38
CA VAL A 210 2.20 1.40 -6.10
C VAL A 210 2.09 1.26 -4.58
N ASN A 211 0.86 1.26 -4.08
CA ASN A 211 0.63 1.08 -2.65
C ASN A 211 1.18 -0.28 -2.22
N PRO A 212 1.93 -0.35 -1.11
CA PRO A 212 2.56 -1.62 -0.72
C PRO A 212 1.57 -2.73 -0.41
N LEU A 213 0.35 -2.39 0.02
CA LEU A 213 -0.63 -3.42 0.35
C LEU A 213 -1.10 -4.17 -0.89
N VAL A 214 -1.02 -3.55 -2.07
CA VAL A 214 -1.38 -4.24 -3.30
C VAL A 214 -0.46 -5.43 -3.52
N ARG A 215 0.82 -5.28 -3.15
CA ARG A 215 1.75 -6.41 -3.23
C ARG A 215 1.42 -7.47 -2.18
N GLU A 216 0.87 -7.07 -1.04
CA GLU A 216 0.55 -8.00 0.03
C GLU A 216 -0.88 -8.51 -0.07
N GLY A 217 -1.25 -9.00 -1.25
CA GLY A 217 -2.53 -9.65 -1.47
C GLY A 217 -3.74 -8.78 -1.21
N TYR A 218 -3.82 -7.63 -1.90
CA TYR A 218 -4.96 -6.72 -1.77
C TYR A 218 -5.30 -6.18 -3.16
N PRO A 219 -6.35 -6.69 -3.80
CA PRO A 219 -6.70 -6.16 -5.12
C PRO A 219 -7.15 -4.71 -5.09
N SER A 220 -7.98 -4.33 -4.11
CA SER A 220 -8.43 -2.96 -3.95
C SER A 220 -8.11 -2.47 -2.55
N ILE A 221 -7.86 -1.17 -2.44
CA ILE A 221 -7.49 -0.53 -1.17
C ILE A 221 -8.56 0.49 -0.83
N GLY A 222 -9.01 0.47 0.42
CA GLY A 222 -9.96 1.44 0.92
C GLY A 222 -9.73 1.68 2.39
N CYS A 223 -10.80 1.98 3.12
CA CYS A 223 -10.69 2.12 4.56
C CYS A 223 -10.34 0.79 5.20
N ALA A 224 -9.54 0.86 6.27
CA ALA A 224 -9.06 -0.35 6.93
C ALA A 224 -10.19 -1.26 7.43
N PRO A 225 -11.23 -0.76 8.11
CA PRO A 225 -12.28 -1.68 8.59
C PRO A 225 -13.15 -2.25 7.49
N CYS A 226 -13.17 -1.65 6.30
CA CYS A 226 -14.09 -2.04 5.25
C CYS A 226 -13.38 -2.65 4.04
N THR A 227 -12.17 -3.18 4.22
CA THR A 227 -11.42 -3.81 3.15
C THR A 227 -11.34 -5.31 3.43
N ALA A 228 -11.62 -6.10 2.40
CA ALA A 228 -11.64 -7.56 2.55
C ALA A 228 -10.22 -8.08 2.75
N LYS A 229 -9.98 -8.68 3.92
CA LYS A 229 -8.66 -9.24 4.21
C LYS A 229 -8.51 -10.61 3.55
N PRO A 230 -7.30 -10.96 3.11
CA PRO A 230 -7.05 -12.25 2.46
C PRO A 230 -7.00 -13.41 3.46
N LEU B 8 -5.27 -13.61 24.49
CA LEU B 8 -5.18 -12.20 24.13
C LEU B 8 -6.44 -11.72 23.43
N THR B 9 -6.70 -10.41 23.49
CA THR B 9 -7.89 -9.83 22.89
C THR B 9 -7.49 -8.65 22.02
N GLU B 10 -8.32 -8.38 21.00
CA GLU B 10 -8.02 -7.30 20.07
C GLU B 10 -7.94 -5.93 20.72
N PRO B 11 -8.87 -5.52 21.60
CA PRO B 11 -8.69 -4.21 22.26
C PRO B 11 -7.44 -4.14 23.12
N GLN B 12 -7.13 -5.21 23.85
CA GLN B 12 -5.89 -5.24 24.62
C GLN B 12 -4.67 -5.11 23.71
N LEU B 13 -4.69 -5.78 22.56
CA LEU B 13 -3.57 -5.68 21.62
C LEU B 13 -3.44 -4.26 21.06
N ARG B 14 -4.57 -3.62 20.76
CA ARG B 14 -4.52 -2.25 20.26
C ARG B 14 -3.97 -1.30 21.31
N GLU B 15 -4.41 -1.47 22.58
CA GLU B 15 -3.90 -0.63 23.65
C GLU B 15 -2.40 -0.85 23.85
N LEU B 16 -1.95 -2.12 23.79
CA LEU B 16 -0.53 -2.41 23.95
C LEU B 16 0.28 -1.80 22.80
N ALA B 17 -0.24 -1.87 21.57
CA ALA B 17 0.45 -1.27 20.44
C ALA B 17 0.54 0.24 20.60
N ALA B 18 -0.54 0.87 21.07
CA ALA B 18 -0.52 2.32 21.29
C ALA B 18 0.51 2.69 22.35
N ARG B 19 0.54 1.93 23.45
CA ARG B 19 1.51 2.22 24.51
C ARG B 19 2.94 2.02 24.02
N GLY B 20 3.17 0.98 23.22
CA GLY B 20 4.50 0.76 22.68
C GLY B 20 4.94 1.86 21.73
N ALA B 21 4.02 2.32 20.87
CA ALA B 21 4.35 3.41 19.97
C ALA B 21 4.60 4.71 20.73
N ALA B 22 3.89 4.93 21.84
CA ALA B 22 4.06 6.17 22.59
C ALA B 22 5.36 6.14 23.40
N GLU B 23 5.70 5.01 24.00
CA GLU B 23 6.87 4.95 24.87
C GLU B 23 8.17 4.83 24.10
N LEU B 24 8.14 4.18 22.93
CA LEU B 24 9.32 3.93 22.12
C LEU B 24 9.49 4.97 21.01
N ASP B 25 9.03 6.21 21.24
CA ASP B 25 9.09 7.23 20.22
C ASP B 25 10.51 7.64 19.86
N GLY B 26 11.48 7.40 20.74
CA GLY B 26 12.85 7.76 20.45
C GLY B 26 13.87 6.76 20.93
N ALA B 27 13.46 5.49 21.03
CA ALA B 27 14.35 4.45 21.54
C ALA B 27 15.07 3.74 20.39
N THR B 28 16.18 3.09 20.75
CA THR B 28 16.98 2.33 19.81
C THR B 28 16.30 0.98 19.50
N ALA B 29 16.80 0.31 18.47
CA ALA B 29 16.22 -0.96 18.07
C ALA B 29 16.32 -2.01 19.18
N THR B 30 17.44 -2.02 19.90
CA THR B 30 17.60 -2.97 21.00
C THR B 30 16.59 -2.71 22.11
N ASP B 31 16.29 -1.43 22.36
CA ASP B 31 15.28 -1.09 23.36
C ASP B 31 13.91 -1.58 22.91
N MET B 32 13.58 -1.43 21.62
CA MET B 32 12.30 -1.91 21.12
C MET B 32 12.20 -3.42 21.23
N LEU B 33 13.30 -4.13 20.95
CA LEU B 33 13.27 -5.58 21.08
C LEU B 33 13.14 -6.00 22.53
N ARG B 34 13.78 -5.29 23.45
CA ARG B 34 13.63 -5.58 24.87
C ARG B 34 12.18 -5.37 25.32
N TRP B 35 11.56 -4.29 24.84
CA TRP B 35 10.15 -4.06 25.15
C TRP B 35 9.28 -5.18 24.59
N THR B 36 9.53 -5.59 23.36
CA THR B 36 8.75 -6.67 22.75
C THR B 36 8.89 -7.97 23.57
N ASP B 37 10.11 -8.27 24.02
CA ASP B 37 10.32 -9.49 24.79
C ASP B 37 9.65 -9.40 26.16
N GLU B 38 9.72 -8.23 26.80
CA GLU B 38 9.12 -8.09 28.13
C GLU B 38 7.60 -8.06 28.08
N THR B 39 7.01 -7.60 26.97
CA THR B 39 5.56 -7.50 26.87
C THR B 39 4.91 -8.78 26.37
N PHE B 40 5.62 -9.60 25.61
CA PHE B 40 5.06 -10.80 25.00
C PHE B 40 5.85 -12.06 25.37
N GLY B 41 6.36 -12.11 26.59
CA GLY B 41 7.15 -13.26 27.01
C GLY B 41 6.31 -14.48 27.28
N ASP B 42 5.43 -14.40 28.28
CA ASP B 42 4.59 -15.52 28.70
C ASP B 42 5.39 -16.78 28.98
N THR B 58 7.23 -21.57 23.57
CA THR B 58 6.65 -20.82 24.67
C THR B 58 7.00 -19.33 24.58
N CYS B 59 7.19 -18.85 23.35
CA CYS B 59 7.60 -17.48 23.10
C CYS B 59 6.41 -16.54 22.91
N ASN B 60 5.49 -16.90 22.01
CA ASN B 60 4.29 -16.14 21.66
C ASN B 60 4.59 -14.85 20.91
N TYR B 61 5.78 -14.72 20.34
CA TYR B 61 6.07 -13.64 19.40
C TYR B 61 7.20 -14.12 18.48
N VAL B 62 7.12 -13.74 17.21
CA VAL B 62 8.03 -14.27 16.20
C VAL B 62 8.64 -13.13 15.40
N VAL B 63 9.76 -13.44 14.75
CA VAL B 63 10.50 -12.50 13.91
C VAL B 63 10.46 -13.00 12.48
N ALA B 64 10.35 -12.08 11.53
CA ALA B 64 10.31 -12.40 10.11
C ALA B 64 11.53 -11.78 9.41
N SER B 65 12.28 -12.61 8.68
CA SER B 65 13.48 -12.16 8.00
C SER B 65 13.52 -12.77 6.60
N ASN B 66 13.80 -11.93 5.60
CA ASN B 66 13.91 -12.39 4.21
C ASN B 66 15.27 -13.00 3.89
N MET B 67 16.14 -13.18 4.89
CA MET B 67 17.45 -13.81 4.72
C MET B 67 18.35 -13.03 3.76
N ALA B 68 18.23 -11.70 3.77
CA ALA B 68 19.18 -10.86 3.05
C ALA B 68 20.40 -10.52 3.89
N ASP B 69 20.22 -10.46 5.21
CA ASP B 69 21.30 -10.26 6.17
C ASP B 69 20.76 -10.61 7.54
N ALA B 70 21.67 -10.85 8.49
CA ALA B 70 21.30 -11.28 9.82
C ALA B 70 21.33 -10.15 10.84
N VAL B 71 21.01 -8.93 10.41
CA VAL B 71 21.01 -7.80 11.36
C VAL B 71 19.90 -7.97 12.38
N LEU B 72 18.66 -8.02 11.91
CA LEU B 72 17.53 -8.25 12.81
C LEU B 72 17.66 -9.59 13.51
N VAL B 73 18.20 -10.60 12.81
CA VAL B 73 18.38 -11.91 13.43
C VAL B 73 19.38 -11.83 14.56
N ASP B 74 20.50 -11.13 14.35
CA ASP B 74 21.51 -10.98 15.39
C ASP B 74 20.94 -10.22 16.59
N LEU B 75 20.20 -9.15 16.33
CA LEU B 75 19.61 -8.38 17.43
C LEU B 75 18.62 -9.23 18.22
N ALA B 76 17.74 -9.95 17.53
CA ALA B 76 16.73 -10.77 18.21
C ALA B 76 17.37 -11.91 18.98
N ALA B 77 18.45 -12.49 18.45
CA ALA B 77 19.15 -13.54 19.18
C ALA B 77 19.89 -12.99 20.38
N LYS B 78 20.39 -11.75 20.29
CA LYS B 78 21.06 -11.14 21.44
C LYS B 78 20.07 -10.75 22.53
N VAL B 79 18.84 -10.41 22.18
CA VAL B 79 17.85 -10.10 23.21
C VAL B 79 17.12 -11.34 23.73
N ARG B 80 16.90 -12.34 22.87
CA ARG B 80 16.18 -13.55 23.27
C ARG B 80 16.74 -14.73 22.50
N PRO B 81 17.63 -15.51 23.11
CA PRO B 81 18.14 -16.72 22.44
C PRO B 81 17.05 -17.73 22.20
N GLY B 82 17.22 -18.52 21.13
CA GLY B 82 16.21 -19.49 20.76
C GLY B 82 14.91 -18.93 20.27
N VAL B 83 14.89 -17.66 19.86
CA VAL B 83 13.69 -16.99 19.37
C VAL B 83 13.28 -17.65 18.06
N PRO B 84 11.98 -17.78 17.79
CA PRO B 84 11.55 -18.31 16.49
C PRO B 84 11.63 -17.25 15.39
N VAL B 85 11.98 -17.70 14.19
CA VAL B 85 12.07 -16.85 13.02
C VAL B 85 11.39 -17.53 11.84
N ILE B 86 10.70 -16.74 11.02
CA ILE B 86 9.91 -17.22 9.90
C ILE B 86 10.75 -17.04 8.63
N PHE B 87 10.68 -18.00 7.71
CA PHE B 87 11.23 -17.77 6.38
C PHE B 87 10.24 -18.27 5.34
N LEU B 88 9.76 -17.37 4.51
CA LEU B 88 8.76 -17.72 3.49
C LEU B 88 9.47 -18.29 2.27
N ASP B 89 9.49 -19.61 2.14
CA ASP B 89 10.16 -20.27 1.02
C ASP B 89 9.15 -20.42 -0.11
N THR B 90 9.04 -19.36 -0.93
CA THR B 90 8.10 -19.36 -2.05
C THR B 90 8.50 -20.35 -3.15
N GLY B 91 9.69 -20.93 -3.09
CA GLY B 91 10.17 -21.80 -4.14
C GLY B 91 10.84 -21.08 -5.29
N TYR B 92 10.63 -19.77 -5.43
CA TYR B 92 11.28 -18.97 -6.44
C TYR B 92 12.48 -18.20 -5.90
N HIS B 93 13.03 -18.65 -4.78
CA HIS B 93 14.15 -17.97 -4.15
C HIS B 93 15.44 -18.20 -4.91
N PHE B 94 16.39 -17.28 -4.74
CA PHE B 94 17.74 -17.52 -5.21
C PHE B 94 18.38 -18.66 -4.42
N VAL B 95 19.30 -19.37 -5.07
CA VAL B 95 20.04 -20.40 -4.34
C VAL B 95 20.90 -19.76 -3.26
N GLU B 96 21.40 -18.55 -3.50
CA GLU B 96 22.19 -17.84 -2.50
C GLU B 96 21.34 -17.48 -1.29
N THR B 97 20.05 -17.20 -1.50
CA THR B 97 19.18 -16.90 -0.36
C THR B 97 19.00 -18.11 0.53
N ILE B 98 18.79 -19.29 -0.06
CA ILE B 98 18.66 -20.50 0.74
C ILE B 98 19.98 -20.85 1.42
N GLY B 99 21.10 -20.61 0.74
CA GLY B 99 22.40 -20.82 1.37
C GLY B 99 22.61 -19.90 2.57
N THR B 100 22.23 -18.63 2.43
CA THR B 100 22.32 -17.70 3.55
C THR B 100 21.39 -18.11 4.69
N ARG B 101 20.20 -18.63 4.35
CA ARG B 101 19.29 -19.13 5.37
C ARG B 101 19.93 -20.27 6.15
N ASP B 102 20.55 -21.21 5.44
CA ASP B 102 21.22 -22.33 6.11
C ASP B 102 22.37 -21.83 6.98
N ALA B 103 23.15 -20.85 6.49
CA ALA B 103 24.26 -20.33 7.27
C ALA B 103 23.77 -19.65 8.54
N ILE B 104 22.68 -18.88 8.45
CA ILE B 104 22.13 -18.23 9.63
C ILE B 104 21.56 -19.25 10.60
N GLU B 105 20.91 -20.29 10.07
CA GLU B 105 20.40 -21.36 10.93
C GLU B 105 21.53 -22.05 11.68
N SER B 106 22.67 -22.24 11.03
CA SER B 106 23.79 -22.90 11.69
C SER B 106 24.44 -21.99 12.73
N VAL B 107 24.75 -20.75 12.36
CA VAL B 107 25.53 -19.88 13.22
C VAL B 107 24.71 -19.39 14.41
N TYR B 108 23.62 -18.67 14.14
CA TYR B 108 22.90 -17.96 15.19
C TYR B 108 21.97 -18.88 15.97
N ASP B 109 21.79 -18.56 17.26
CA ASP B 109 20.94 -19.32 18.16
C ASP B 109 19.49 -18.87 17.98
N VAL B 110 18.88 -19.37 16.91
CA VAL B 110 17.51 -19.01 16.55
C VAL B 110 16.84 -20.26 16.00
N ARG B 111 15.56 -20.46 16.34
CA ARG B 111 14.79 -21.56 15.80
C ARG B 111 14.12 -21.07 14.52
N VAL B 112 14.67 -21.47 13.38
CA VAL B 112 14.15 -21.04 12.09
C VAL B 112 13.13 -22.05 11.60
N LEU B 113 12.05 -21.56 11.01
CA LEU B 113 11.05 -22.44 10.41
C LEU B 113 10.78 -22.01 8.97
N ASN B 114 10.86 -22.98 8.06
CA ASN B 114 10.72 -22.77 6.63
C ASN B 114 9.24 -22.90 6.27
N VAL B 115 8.55 -21.77 6.25
CA VAL B 115 7.13 -21.74 5.93
C VAL B 115 6.98 -21.85 4.42
N THR B 116 6.37 -22.95 3.97
CA THR B 116 6.16 -23.19 2.56
C THR B 116 4.66 -23.20 2.25
N PRO B 117 4.26 -22.67 1.09
CA PRO B 117 2.84 -22.71 0.73
C PRO B 117 2.36 -24.14 0.55
N GLU B 118 1.03 -24.30 0.57
CA GLU B 118 0.44 -25.63 0.47
C GLU B 118 0.71 -26.26 -0.89
N HIS B 119 0.84 -25.45 -1.93
CA HIS B 119 1.09 -25.93 -3.29
C HIS B 119 2.51 -25.60 -3.69
N THR B 120 3.22 -26.59 -4.23
CA THR B 120 4.58 -26.38 -4.68
C THR B 120 4.58 -25.56 -5.97
N VAL B 121 5.78 -25.31 -6.51
CA VAL B 121 5.89 -24.53 -7.74
C VAL B 121 5.29 -25.30 -8.91
N ALA B 122 5.60 -26.60 -9.02
CA ALA B 122 5.06 -27.39 -10.12
C ALA B 122 3.55 -27.57 -9.99
N GLU B 123 3.06 -27.77 -8.77
CA GLU B 123 1.62 -27.92 -8.57
C GLU B 123 0.86 -26.65 -8.93
N GLN B 124 1.39 -25.50 -8.51
CA GLN B 124 0.76 -24.23 -8.88
C GLN B 124 0.85 -24.00 -10.39
N ASP B 125 1.98 -24.35 -11.00
CA ASP B 125 2.12 -24.19 -12.45
C ASP B 125 1.12 -25.05 -13.21
N GLU B 126 0.84 -26.25 -12.70
CA GLU B 126 -0.11 -27.12 -13.38
C GLU B 126 -1.55 -26.67 -13.13
N LEU B 127 -1.84 -26.16 -11.92
CA LEU B 127 -3.22 -25.83 -11.57
C LEU B 127 -3.65 -24.46 -12.08
N LEU B 128 -2.72 -23.51 -12.18
CA LEU B 128 -3.05 -22.14 -12.54
C LEU B 128 -2.19 -21.59 -13.68
N GLY B 129 -1.39 -22.42 -14.32
CA GLY B 129 -0.54 -21.95 -15.40
C GLY B 129 0.88 -21.70 -14.95
N LYS B 130 1.85 -22.02 -15.81
CA LYS B 130 3.24 -21.82 -15.46
C LYS B 130 3.57 -20.33 -15.38
N ASP B 131 4.44 -19.97 -14.44
CA ASP B 131 4.89 -18.60 -14.25
C ASP B 131 3.73 -17.65 -14.00
N LEU B 132 3.00 -17.91 -12.89
CA LEU B 132 1.91 -17.04 -12.50
C LEU B 132 2.39 -15.65 -12.13
N PHE B 133 3.66 -15.51 -11.73
CA PHE B 133 4.19 -14.19 -11.37
C PHE B 133 4.20 -13.24 -12.56
N ALA B 134 4.26 -13.78 -13.78
CA ALA B 134 4.30 -12.92 -14.96
C ALA B 134 2.91 -12.42 -15.34
N ARG B 135 1.87 -13.22 -15.11
CA ARG B 135 0.51 -12.86 -15.50
C ARG B 135 -0.26 -12.18 -14.38
N ASN B 136 -0.13 -12.69 -13.16
CA ASN B 136 -0.81 -12.11 -11.99
C ASN B 136 0.13 -12.16 -10.80
N PRO B 137 1.00 -11.15 -10.66
CA PRO B 137 1.95 -11.16 -9.53
C PRO B 137 1.26 -11.00 -8.18
N HIS B 138 0.15 -10.27 -8.12
CA HIS B 138 -0.55 -10.08 -6.86
C HIS B 138 -1.05 -11.41 -6.31
N GLU B 139 -1.63 -12.24 -7.18
CA GLU B 139 -2.14 -13.54 -6.72
C GLU B 139 -0.99 -14.47 -6.35
N CYS B 140 0.13 -14.39 -7.07
CA CYS B 140 1.29 -15.20 -6.71
C CYS B 140 1.79 -14.83 -5.31
N CYS B 141 1.91 -13.53 -5.04
CA CYS B 141 2.33 -13.10 -3.70
C CYS B 141 1.31 -13.51 -2.65
N ARG B 142 0.02 -13.40 -2.96
CA ARG B 142 -1.01 -13.78 -1.99
C ARG B 142 -0.95 -15.26 -1.68
N LEU B 143 -0.69 -16.09 -2.70
CA LEU B 143 -0.70 -17.54 -2.50
C LEU B 143 0.56 -18.03 -1.80
N ARG B 144 1.72 -17.50 -2.18
CA ARG B 144 2.99 -18.03 -1.68
C ARG B 144 3.57 -17.24 -0.52
N LYS B 145 3.12 -16.01 -0.29
CA LYS B 145 3.63 -15.21 0.81
C LYS B 145 2.56 -14.84 1.83
N VAL B 146 1.43 -14.27 1.39
CA VAL B 146 0.48 -13.70 2.33
C VAL B 146 -0.28 -14.80 3.07
N VAL B 147 -0.80 -15.78 2.34
CA VAL B 147 -1.59 -16.84 2.95
C VAL B 147 -0.75 -17.70 3.89
N PRO B 148 0.46 -18.15 3.50
CA PRO B 148 1.28 -18.91 4.46
C PRO B 148 1.70 -18.09 5.67
N LEU B 149 2.04 -16.81 5.46
CA LEU B 149 2.39 -15.95 6.58
C LEU B 149 1.22 -15.79 7.55
N GLY B 150 0.00 -15.64 7.01
CA GLY B 150 -1.16 -15.55 7.88
C GLY B 150 -1.45 -16.83 8.61
N LYS B 151 -1.29 -17.98 7.92
CA LYS B 151 -1.51 -19.26 8.58
C LYS B 151 -0.48 -19.52 9.67
N THR B 152 0.73 -18.99 9.52
CA THR B 152 1.75 -19.18 10.54
C THR B 152 1.60 -18.19 11.69
N LEU B 153 1.20 -16.96 11.39
CA LEU B 153 1.08 -15.93 12.42
C LEU B 153 -0.09 -16.16 13.37
N ARG B 154 -1.06 -16.99 12.98
CA ARG B 154 -2.16 -17.32 13.88
C ARG B 154 -1.62 -18.06 15.10
N GLY B 155 -1.87 -17.50 16.29
CA GLY B 155 -1.36 -18.02 17.52
C GLY B 155 -0.31 -17.14 18.17
N TYR B 156 0.26 -16.20 17.43
CA TYR B 156 1.23 -15.25 17.96
C TYR B 156 0.56 -13.90 18.19
N SER B 157 1.04 -13.18 19.20
CA SER B 157 0.47 -11.89 19.56
C SER B 157 1.21 -10.72 18.90
N ALA B 158 2.46 -10.90 18.53
CA ALA B 158 3.24 -9.84 17.91
C ALA B 158 4.28 -10.45 16.99
N TRP B 159 4.61 -9.71 15.93
CA TRP B 159 5.67 -10.13 15.01
C TRP B 159 6.60 -8.96 14.73
N VAL B 160 7.85 -9.29 14.46
CA VAL B 160 8.92 -8.31 14.27
C VAL B 160 9.37 -8.35 12.81
N THR B 161 9.53 -7.18 12.21
CA THR B 161 9.94 -7.07 10.81
C THR B 161 11.15 -6.16 10.71
N GLY B 162 11.95 -6.38 9.67
CA GLY B 162 13.11 -5.57 9.41
C GLY B 162 12.85 -4.46 8.42
N LEU B 163 11.62 -3.93 8.44
CA LEU B 163 11.25 -2.87 7.52
C LEU B 163 11.95 -1.58 7.89
N ARG B 164 12.50 -0.90 6.88
CA ARG B 164 13.15 0.39 7.06
C ARG B 164 12.44 1.44 6.21
N ARG B 165 12.28 2.64 6.76
CA ARG B 165 11.55 3.69 6.06
C ARG B 165 12.25 4.14 4.78
N VAL B 166 13.53 3.80 4.62
CA VAL B 166 14.28 4.18 3.42
C VAL B 166 14.12 3.16 2.30
N ASP B 167 13.39 2.07 2.54
CA ASP B 167 13.25 1.03 1.53
C ASP B 167 12.49 1.54 0.30
N ALA B 168 11.51 2.42 0.51
CA ALA B 168 10.71 2.95 -0.57
C ALA B 168 10.10 4.27 -0.12
N PRO B 169 9.74 5.15 -1.06
CA PRO B 169 9.07 6.40 -0.65
C PRO B 169 7.73 6.16 0.02
N THR B 170 7.07 5.04 -0.28
CA THR B 170 5.79 4.72 0.34
C THR B 170 5.92 4.20 1.76
N ARG B 171 7.14 3.89 2.22
CA ARG B 171 7.39 3.43 3.57
C ARG B 171 7.96 4.51 4.47
N ALA B 172 7.95 5.77 4.03
CA ALA B 172 8.57 6.84 4.81
C ALA B 172 7.85 7.08 6.14
N ASN B 173 6.57 6.72 6.24
CA ASN B 173 5.79 6.89 7.46
C ASN B 173 5.59 5.56 8.20
N ALA B 174 6.53 4.63 8.05
CA ALA B 174 6.42 3.33 8.69
C ALA B 174 6.38 3.50 10.21
N PRO B 175 5.34 3.02 10.88
CA PRO B 175 5.25 3.22 12.33
C PRO B 175 6.18 2.30 13.10
N LEU B 176 6.63 2.79 14.25
CA LEU B 176 7.48 1.98 15.12
C LEU B 176 6.72 0.76 15.63
N VAL B 177 5.61 0.99 16.33
CA VAL B 177 4.72 -0.08 16.78
C VAL B 177 3.32 0.23 16.31
N SER B 178 2.62 -0.77 15.78
CA SER B 178 1.26 -0.57 15.28
C SER B 178 0.50 -1.89 15.39
N PHE B 179 -0.73 -1.90 14.88
CA PHE B 179 -1.60 -3.07 14.89
C PHE B 179 -1.88 -3.47 13.44
N ASP B 180 -1.20 -4.51 12.96
CA ASP B 180 -1.43 -5.06 11.64
C ASP B 180 -2.86 -5.55 11.51
N GLU B 181 -3.64 -4.91 10.64
CA GLU B 181 -5.03 -5.30 10.40
C GLU B 181 -5.14 -6.50 9.48
N THR B 182 -4.15 -6.70 8.61
CA THR B 182 -4.20 -7.85 7.70
C THR B 182 -4.14 -9.15 8.48
N PHE B 183 -3.26 -9.22 9.47
CA PHE B 183 -3.16 -10.38 10.34
C PHE B 183 -3.69 -10.10 11.74
N LYS B 184 -4.06 -8.85 12.04
CA LYS B 184 -4.71 -8.47 13.29
C LYS B 184 -3.85 -8.83 14.50
N LEU B 185 -2.67 -8.24 14.56
CA LEU B 185 -1.79 -8.44 15.71
C LEU B 185 -0.70 -7.37 15.71
N VAL B 186 0.03 -7.29 16.82
CA VAL B 186 1.01 -6.22 17.01
C VAL B 186 2.16 -6.38 16.02
N LYS B 187 2.58 -5.26 15.44
CA LYS B 187 3.67 -5.23 14.47
C LYS B 187 4.68 -4.18 14.91
N VAL B 188 5.94 -4.61 15.07
CA VAL B 188 7.01 -3.74 15.53
C VAL B 188 8.10 -3.72 14.45
N ASN B 189 8.55 -2.51 14.09
CA ASN B 189 9.58 -2.31 13.08
C ASN B 189 10.78 -1.64 13.75
N PRO B 190 11.70 -2.41 14.34
CA PRO B 190 12.83 -1.79 15.04
C PRO B 190 13.78 -1.06 14.11
N LEU B 191 13.98 -1.56 12.89
CA LEU B 191 14.92 -0.98 11.95
C LEU B 191 14.30 0.14 11.11
N ALA B 192 13.18 0.70 11.55
CA ALA B 192 12.53 1.76 10.78
C ALA B 192 13.43 2.99 10.67
N ALA B 193 13.93 3.48 11.80
CA ALA B 193 14.74 4.69 11.81
C ALA B 193 16.15 4.47 11.24
N TRP B 194 16.53 3.22 10.97
CA TRP B 194 17.88 2.96 10.49
C TRP B 194 18.06 3.42 9.06
N THR B 195 19.30 3.79 8.72
CA THR B 195 19.66 4.22 7.37
C THR B 195 20.65 3.23 6.77
N ASP B 196 20.97 3.46 5.49
CA ASP B 196 21.93 2.60 4.82
C ASP B 196 23.28 2.66 5.50
N GLN B 197 23.73 3.86 5.88
CA GLN B 197 24.98 3.99 6.61
C GLN B 197 24.90 3.28 7.96
N ASP B 198 23.73 3.35 8.62
CA ASP B 198 23.56 2.69 9.91
C ASP B 198 23.70 1.18 9.77
N VAL B 199 23.00 0.60 8.78
CA VAL B 199 23.08 -0.85 8.60
C VAL B 199 24.48 -1.28 8.18
N GLN B 200 25.14 -0.48 7.33
CA GLN B 200 26.52 -0.77 6.95
C GLN B 200 27.43 -0.77 8.17
N GLU B 201 27.34 0.26 9.00
CA GLU B 201 28.18 0.35 10.19
C GLU B 201 27.90 -0.78 11.16
N TYR B 202 26.64 -1.20 11.28
CA TYR B 202 26.31 -2.30 12.16
C TYR B 202 26.90 -3.62 11.63
N ILE B 203 26.75 -3.87 10.33
CA ILE B 203 27.33 -5.05 9.71
C ILE B 203 28.84 -5.08 9.97
N ALA B 204 29.50 -3.94 9.79
CA ALA B 204 30.95 -3.87 10.02
C ALA B 204 31.29 -4.15 11.48
N ASP B 205 30.66 -3.41 12.40
CA ASP B 205 31.02 -3.48 13.81
C ASP B 205 30.67 -4.81 14.44
N ASN B 206 29.71 -5.56 13.89
CA ASN B 206 29.26 -6.80 14.50
C ASN B 206 29.58 -8.05 13.68
N ASP B 207 30.25 -7.90 12.53
CA ASP B 207 30.63 -9.03 11.68
C ASP B 207 29.43 -9.93 11.39
N VAL B 208 28.40 -9.32 10.82
CA VAL B 208 27.14 -10.00 10.57
C VAL B 208 27.16 -10.63 9.19
N LEU B 209 26.57 -11.81 9.07
CA LEU B 209 26.52 -12.52 7.80
C LEU B 209 25.66 -11.75 6.81
N VAL B 210 26.10 -11.72 5.56
CA VAL B 210 25.42 -11.01 4.48
C VAL B 210 25.20 -11.95 3.32
N ASN B 211 24.03 -11.88 2.71
CA ASN B 211 23.76 -12.67 1.52
C ASN B 211 24.73 -12.27 0.41
N PRO B 212 25.31 -13.25 -0.30
CA PRO B 212 26.33 -12.90 -1.30
C PRO B 212 25.83 -12.01 -2.42
N LEU B 213 24.53 -12.04 -2.71
CA LEU B 213 24.00 -11.22 -3.81
C LEU B 213 24.09 -9.74 -3.51
N VAL B 214 24.11 -9.35 -2.23
CA VAL B 214 24.24 -7.93 -1.89
C VAL B 214 25.58 -7.39 -2.37
N ARG B 215 26.64 -8.21 -2.28
CA ARG B 215 27.93 -7.80 -2.83
C ARG B 215 27.90 -7.76 -4.35
N GLU B 216 27.10 -8.63 -4.98
CA GLU B 216 27.01 -8.70 -6.43
C GLU B 216 25.86 -7.84 -6.96
N GLY B 217 25.81 -6.57 -6.54
CA GLY B 217 24.86 -5.61 -7.07
C GLY B 217 23.39 -5.92 -6.88
N TYR B 218 22.94 -6.08 -5.64
CA TYR B 218 21.53 -6.32 -5.35
C TYR B 218 21.15 -5.51 -4.11
N PRO B 219 20.45 -4.39 -4.30
CA PRO B 219 20.05 -3.57 -3.14
C PRO B 219 19.03 -4.28 -2.26
N SER B 220 18.01 -4.88 -2.87
CA SER B 220 17.01 -5.65 -2.15
C SER B 220 16.93 -7.05 -2.74
N ILE B 221 16.64 -8.03 -1.89
CA ILE B 221 16.56 -9.42 -2.29
C ILE B 221 15.15 -9.94 -2.02
N GLY B 222 14.60 -10.63 -3.02
CA GLY B 222 13.30 -11.27 -2.89
C GLY B 222 13.29 -12.52 -3.75
N CYS B 223 12.12 -12.85 -4.28
CA CYS B 223 12.03 -13.97 -5.20
C CYS B 223 12.82 -13.66 -6.47
N ALA B 224 13.42 -14.70 -7.05
CA ALA B 224 14.28 -14.51 -8.21
C ALA B 224 13.58 -13.86 -9.40
N PRO B 225 12.36 -14.27 -9.80
CA PRO B 225 11.73 -13.63 -10.96
C PRO B 225 11.28 -12.21 -10.71
N CYS B 226 11.11 -11.79 -9.44
CA CYS B 226 10.57 -10.49 -9.12
C CYS B 226 11.58 -9.58 -8.43
N THR B 227 12.87 -9.84 -8.61
CA THR B 227 13.92 -9.02 -8.02
C THR B 227 14.66 -8.27 -9.12
N ALA B 228 14.87 -6.97 -8.91
CA ALA B 228 15.51 -6.14 -9.93
C ALA B 228 16.98 -6.52 -10.07
N LYS B 229 17.34 -7.01 -11.26
CA LYS B 229 18.71 -7.39 -11.55
C LYS B 229 19.54 -6.16 -11.90
N PRO B 230 20.84 -6.16 -11.56
CA PRO B 230 21.66 -4.98 -11.88
C PRO B 230 22.01 -4.85 -13.35
N ALA B 231 22.23 -5.97 -14.03
CA ALA B 231 22.59 -5.95 -15.44
C ALA B 231 22.02 -7.16 -16.17
#